data_1TLO
#
_entry.id   1TLO
#
_cell.length_a   40.52
_cell.length_b   69.76
_cell.length_c   108.96
_cell.angle_alpha   90
_cell.angle_beta   90
_cell.angle_gamma   90
#
_symmetry.space_group_name_H-M   'P 21 21 21'
#
loop_
_entity.id
_entity.type
_entity.pdbx_description
1 polymer 'Calpain 1, large [catalytic] subunit'
2 non-polymer 'CALCIUM ION'
3 non-polymer N-[N-[1-HYDROXYCARBOXYETHYL-CARBONYL]LEUCYLAMINO-BUTYL]-GUANIDINE
4 water water
#
_entity_poly.entity_id   1
_entity_poly.type   'polypeptide(L)'
_entity_poly.pdbx_seq_one_letter_code
;MGLGRHENAIKYLGQDYENLRARCLQNGVLFQDDAFPPVSHSLGFKELGPNSSKTYGIKWKRPTELLSNPQFIVDGATRT
DICQGALGDCWLLAAIASLTLNETILHRVVPYGQSFQEGYAGIFHFQLWQFGEWVDVVVDDLLPTKDGKLVFVHSAQGNE
FWSALLEKAYAKVNGSYEALSGGCTSEAFEDFTGGVTEWYDLQKAPSDLYQIILKALERGSLLGCSINISDIRDLEAITF
KNLVRGHAYSVTDAKQVTYQGQRVNLIRMRNPWGEVEWKGPWSDNSYEWNKVDPYEREQLRVKMEDGEFWMSFRDFIREF
TKLEICNLTPDLEHHHHHH
;
_entity_poly.pdbx_strand_id   A
#
loop_
_chem_comp.id
_chem_comp.type
_chem_comp.name
_chem_comp.formula
CA non-polymer 'CALCIUM ION' 'Ca 2'
E64 non-polymer N-[N-[1-HYDROXYCARBOXYETHYL-CARBONYL]LEUCYLAMINO-BUTYL]-GUANIDINE 'C15 H30 N5 O5 1'
#
# COMPACT_ATOMS: atom_id res chain seq x y z
N ASN A 8 -20.70 -5.26 10.33
CA ASN A 8 -21.58 -6.44 10.08
C ASN A 8 -20.79 -7.54 9.37
N ALA A 9 -19.46 -7.42 9.42
CA ALA A 9 -18.60 -8.41 8.79
C ALA A 9 -18.66 -9.70 9.59
N ILE A 10 -18.25 -10.81 8.97
CA ILE A 10 -18.25 -12.10 9.64
C ILE A 10 -16.86 -12.34 10.21
N LYS A 11 -16.79 -13.03 11.35
CA LYS A 11 -15.51 -13.28 12.01
C LYS A 11 -14.67 -14.36 11.31
N TYR A 12 -13.50 -13.97 10.83
CA TYR A 12 -12.62 -14.92 10.18
C TYR A 12 -12.16 -15.94 11.23
N LEU A 13 -12.36 -17.22 10.93
CA LEU A 13 -11.97 -18.32 11.83
C LEU A 13 -12.73 -18.35 13.14
N GLY A 14 -13.75 -17.50 13.25
CA GLY A 14 -14.55 -17.45 14.46
C GLY A 14 -13.98 -16.56 15.56
N GLN A 15 -12.83 -15.93 15.31
CA GLN A 15 -12.21 -15.07 16.31
C GLN A 15 -12.98 -13.76 16.44
N ASP A 16 -13.41 -13.47 17.67
CA ASP A 16 -14.19 -12.27 17.97
C ASP A 16 -13.32 -11.16 18.57
N TYR A 17 -13.06 -10.11 17.80
CA TYR A 17 -12.22 -9.00 18.26
C TYR A 17 -12.59 -8.46 19.65
N GLU A 18 -13.79 -7.94 19.80
CA GLU A 18 -14.19 -7.38 21.09
C GLU A 18 -14.11 -8.35 22.27
N ASN A 19 -14.57 -9.57 22.08
CA ASN A 19 -14.53 -10.57 23.14
C ASN A 19 -13.09 -10.92 23.54
N LEU A 20 -12.23 -11.06 22.53
CA LEU A 20 -10.84 -11.40 22.78
C LEU A 20 -10.14 -10.26 23.53
N ARG A 21 -10.42 -9.03 23.11
CA ARG A 21 -9.81 -7.87 23.74
C ARG A 21 -10.24 -7.76 25.20
N ALA A 22 -11.55 -7.86 25.44
CA ALA A 22 -12.08 -7.77 26.79
C ALA A 22 -11.46 -8.87 27.65
N ARG A 23 -11.40 -10.08 27.10
CA ARG A 23 -10.86 -11.25 27.79
C ARG A 23 -9.40 -11.05 28.21
N CYS A 24 -8.59 -10.53 27.28
CA CYS A 24 -7.18 -10.29 27.58
C CYS A 24 -7.01 -9.21 28.63
N LEU A 25 -7.85 -8.17 28.56
CA LEU A 25 -7.78 -7.09 29.53
C LEU A 25 -8.13 -7.61 30.91
N GLN A 26 -9.17 -8.45 30.98
CA GLN A 26 -9.60 -9.01 32.25
C GLN A 26 -8.53 -9.94 32.84
N ASN A 27 -7.88 -10.70 31.98
CA ASN A 27 -6.84 -11.64 32.40
C ASN A 27 -5.45 -11.04 32.55
N GLY A 28 -5.35 -9.72 32.33
CA GLY A 28 -4.09 -9.03 32.46
C GLY A 28 -2.96 -9.46 31.53
N VAL A 29 -3.32 -9.81 30.30
CA VAL A 29 -2.30 -10.23 29.34
C VAL A 29 -2.54 -9.60 27.98
N LEU A 30 -1.52 -9.66 27.12
CA LEU A 30 -1.63 -9.13 25.77
C LEU A 30 -1.93 -10.32 24.86
N PHE A 31 -2.74 -10.08 23.86
CA PHE A 31 -3.14 -11.10 22.90
C PHE A 31 -2.01 -11.71 22.09
N GLN A 32 -2.05 -13.03 21.94
CA GLN A 32 -1.10 -13.80 21.14
C GLN A 32 -2.00 -14.66 20.25
N ASP A 33 -1.88 -14.45 18.95
CA ASP A 33 -2.69 -15.11 17.95
C ASP A 33 -2.31 -16.56 17.65
N ASP A 34 -3.13 -17.51 18.09
CA ASP A 34 -2.85 -18.92 17.83
C ASP A 34 -3.04 -19.21 16.35
N ALA A 35 -3.86 -18.40 15.68
CA ALA A 35 -4.14 -18.57 14.26
C ALA A 35 -3.03 -18.03 13.36
N PHE A 36 -2.20 -17.13 13.89
CA PHE A 36 -1.08 -16.56 13.12
C PHE A 36 -0.04 -16.17 14.16
N PRO A 37 0.61 -17.17 14.76
CA PRO A 37 1.63 -17.00 15.80
C PRO A 37 2.95 -16.32 15.40
N PRO A 38 3.65 -15.75 16.39
CA PRO A 38 4.92 -15.06 16.22
C PRO A 38 6.08 -16.05 16.10
N VAL A 39 6.08 -16.81 15.01
CA VAL A 39 7.11 -17.79 14.75
C VAL A 39 7.42 -17.80 13.26
N SER A 40 8.47 -18.51 12.88
CA SER A 40 8.91 -18.55 11.49
C SER A 40 7.89 -19.00 10.47
N HIS A 41 6.98 -19.89 10.87
CA HIS A 41 5.96 -20.37 9.95
C HIS A 41 5.04 -19.24 9.47
N SER A 42 4.96 -18.16 10.25
CA SER A 42 4.13 -17.03 9.86
C SER A 42 4.91 -16.11 8.91
N LEU A 43 6.23 -16.22 8.92
CA LEU A 43 7.07 -15.40 8.02
C LEU A 43 7.08 -16.03 6.64
N GLY A 44 7.39 -17.32 6.57
CA GLY A 44 7.43 -17.97 5.28
C GLY A 44 7.77 -19.45 5.32
N PHE A 45 8.14 -19.97 4.15
CA PHE A 45 8.44 -21.39 3.99
C PHE A 45 9.67 -21.68 3.14
N LYS A 46 10.20 -20.68 2.45
CA LYS A 46 11.38 -20.90 1.61
C LYS A 46 12.35 -19.73 1.71
N GLU A 47 12.05 -18.65 1.00
CA GLU A 47 12.90 -17.47 1.04
C GLU A 47 12.84 -16.87 2.44
N LEU A 48 11.73 -17.13 3.14
CA LEU A 48 11.55 -16.64 4.50
C LEU A 48 11.25 -17.78 5.46
N GLY A 49 11.76 -18.96 5.15
CA GLY A 49 11.53 -20.11 6.01
C GLY A 49 12.45 -20.06 7.22
N PRO A 50 12.26 -20.96 8.19
CA PRO A 50 13.10 -20.99 9.38
C PRO A 50 14.59 -21.16 9.08
N ASN A 51 14.90 -21.96 8.06
CA ASN A 51 16.30 -22.20 7.69
C ASN A 51 16.76 -21.24 6.58
N SER A 52 16.37 -19.97 6.66
CA SER A 52 16.76 -19.00 5.64
C SER A 52 17.56 -17.82 6.18
N SER A 53 18.40 -17.25 5.33
CA SER A 53 19.23 -16.12 5.73
C SER A 53 18.46 -14.81 5.88
N LYS A 54 17.38 -14.65 5.11
CA LYS A 54 16.58 -13.43 5.19
C LYS A 54 15.82 -13.30 6.50
N THR A 55 15.66 -14.41 7.22
CA THR A 55 14.95 -14.37 8.49
C THR A 55 15.90 -14.27 9.67
N TYR A 56 17.21 -14.31 9.40
CA TYR A 56 18.21 -14.22 10.46
C TYR A 56 18.08 -12.87 11.15
N GLY A 57 18.12 -12.87 12.48
CA GLY A 57 18.02 -11.63 13.21
C GLY A 57 16.60 -11.10 13.34
N ILE A 58 15.65 -11.74 12.67
CA ILE A 58 14.26 -11.28 12.76
C ILE A 58 13.65 -11.73 14.08
N LYS A 59 13.15 -10.75 14.83
CA LYS A 59 12.52 -11.01 16.11
C LYS A 59 11.13 -10.36 16.09
N TRP A 60 10.19 -10.99 16.78
CA TRP A 60 8.84 -10.47 16.84
C TRP A 60 8.68 -9.59 18.07
N LYS A 61 8.33 -8.33 17.84
CA LYS A 61 8.16 -7.36 18.91
C LYS A 61 6.92 -6.50 18.72
N ARG A 62 6.33 -6.07 19.83
CA ARG A 62 5.14 -5.22 19.77
C ARG A 62 5.58 -3.77 19.72
N PRO A 63 4.77 -2.91 19.09
CA PRO A 63 5.08 -1.48 18.97
C PRO A 63 5.31 -0.87 20.36
N THR A 64 4.58 -1.39 21.34
CA THR A 64 4.67 -0.91 22.72
C THR A 64 5.97 -1.36 23.39
N GLU A 65 6.70 -2.24 22.73
CA GLU A 65 7.98 -2.74 23.24
C GLU A 65 9.11 -1.97 22.58
N LEU A 66 8.84 -1.43 21.39
CA LEU A 66 9.83 -0.69 20.62
C LEU A 66 9.89 0.79 20.95
N LEU A 67 8.73 1.39 21.15
CA LEU A 67 8.65 2.82 21.40
C LEU A 67 7.83 3.15 22.63
N SER A 68 8.08 4.33 23.18
CA SER A 68 7.35 4.76 24.35
C SER A 68 6.00 5.31 23.93
N ASN A 69 5.90 5.82 22.70
CA ASN A 69 4.66 6.41 22.22
C ASN A 69 4.16 5.88 20.88
N PRO A 70 3.92 4.57 20.78
CA PRO A 70 3.43 4.07 19.49
C PRO A 70 2.00 4.57 19.24
N GLN A 71 1.69 4.85 17.99
CA GLN A 71 0.36 5.34 17.62
C GLN A 71 -0.20 4.49 16.49
N PHE A 72 -1.50 4.28 16.48
CA PHE A 72 -2.11 3.49 15.43
C PHE A 72 -2.13 4.36 14.17
N ILE A 73 -2.69 5.55 14.31
CA ILE A 73 -2.75 6.48 13.18
C ILE A 73 -2.26 7.84 13.63
N VAL A 74 -1.40 8.44 12.82
CA VAL A 74 -0.84 9.77 13.11
C VAL A 74 -1.10 10.66 11.89
N ASP A 75 -1.74 11.81 12.11
CA ASP A 75 -2.03 12.73 11.01
C ASP A 75 -2.80 11.97 9.91
N GLY A 76 -3.81 11.22 10.31
CA GLY A 76 -4.60 10.47 9.34
C GLY A 76 -3.89 9.28 8.71
N ALA A 77 -4.67 8.39 8.09
CA ALA A 77 -4.11 7.22 7.41
C ALA A 77 -3.95 7.67 5.96
N THR A 78 -2.71 7.91 5.53
CA THR A 78 -2.49 8.38 4.16
C THR A 78 -1.45 7.57 3.41
N ARG A 79 -1.36 7.81 2.10
CA ARG A 79 -0.43 7.06 1.26
C ARG A 79 1.03 7.08 1.68
N THR A 80 1.50 8.17 2.28
CA THR A 80 2.90 8.23 2.70
C THR A 80 3.14 7.29 3.88
N ASP A 81 2.07 6.72 4.42
CA ASP A 81 2.17 5.79 5.54
C ASP A 81 2.52 4.38 5.02
N ILE A 82 2.59 4.23 3.70
CA ILE A 82 2.89 2.95 3.09
C ILE A 82 4.26 2.93 2.44
N CYS A 83 5.25 2.40 3.14
CA CYS A 83 6.61 2.30 2.61
C CYS A 83 7.04 0.84 2.67
N GLN A 84 7.18 0.25 1.49
CA GLN A 84 7.55 -1.15 1.35
C GLN A 84 8.87 -1.54 2.04
N GLY A 85 8.87 -2.75 2.58
CA GLY A 85 10.04 -3.27 3.27
C GLY A 85 10.71 -4.36 2.45
N ALA A 86 11.32 -5.31 3.13
CA ALA A 86 12.02 -6.41 2.47
C ALA A 86 11.10 -7.58 2.09
N LEU A 87 10.03 -7.26 1.40
CA LEU A 87 9.07 -8.27 0.96
C LEU A 87 8.59 -7.80 -0.40
N GLY A 88 8.46 -8.73 -1.34
CA GLY A 88 8.00 -8.38 -2.67
C GLY A 88 6.50 -8.28 -2.77
N ASP A 89 5.87 -7.44 -1.94
CA ASP A 89 4.43 -7.29 -2.00
C ASP A 89 3.99 -5.90 -2.48
N CYS A 90 4.69 -5.39 -3.47
CA CYS A 90 4.39 -4.07 -4.04
C CYS A 90 2.95 -4.00 -4.54
N TRP A 91 2.46 -5.09 -5.13
CA TRP A 91 1.10 -5.15 -5.65
C TRP A 91 0.09 -4.84 -4.55
N LEU A 92 0.35 -5.36 -3.35
CA LEU A 92 -0.54 -5.14 -2.22
C LEU A 92 -0.41 -3.72 -1.68
N LEU A 93 0.82 -3.28 -1.48
CA LEU A 93 1.09 -1.96 -0.95
C LEU A 93 0.58 -0.82 -1.85
N ALA A 94 0.68 -1.00 -3.16
CA ALA A 94 0.20 0.03 -4.09
C ALA A 94 -1.31 0.13 -3.91
N ALA A 95 -1.94 -1.00 -3.67
CA ALA A 95 -3.39 -1.07 -3.47
C ALA A 95 -3.80 -0.34 -2.19
N ILE A 96 -3.07 -0.58 -1.12
CA ILE A 96 -3.35 0.07 0.15
C ILE A 96 -3.17 1.57 0.00
N ALA A 97 -2.13 1.97 -0.72
CA ALA A 97 -1.89 3.38 -0.93
C ALA A 97 -3.07 4.01 -1.67
N SER A 98 -3.59 3.32 -2.68
CA SER A 98 -4.73 3.85 -3.45
C SER A 98 -5.97 3.91 -2.57
N LEU A 99 -6.12 2.91 -1.73
CA LEU A 99 -7.23 2.80 -0.80
C LEU A 99 -7.38 4.06 0.06
N THR A 100 -6.25 4.61 0.53
CA THR A 100 -6.31 5.80 1.38
C THR A 100 -6.91 7.04 0.71
N LEU A 101 -7.12 6.98 -0.60
CA LEU A 101 -7.68 8.14 -1.32
C LEU A 101 -9.20 8.13 -1.34
N ASN A 102 -9.80 7.05 -0.83
CA ASN A 102 -11.26 6.90 -0.77
C ASN A 102 -11.57 6.59 0.70
N GLU A 103 -11.88 7.63 1.46
CA GLU A 103 -12.17 7.49 2.88
C GLU A 103 -13.27 6.49 3.19
N THR A 104 -14.27 6.38 2.31
CA THR A 104 -15.37 5.45 2.53
C THR A 104 -14.85 4.01 2.64
N ILE A 105 -14.01 3.61 1.69
CA ILE A 105 -13.47 2.26 1.70
C ILE A 105 -12.40 2.10 2.77
N LEU A 106 -11.62 3.15 3.00
CA LEU A 106 -10.57 3.10 4.01
C LEU A 106 -11.20 2.86 5.38
N HIS A 107 -12.27 3.59 5.67
CA HIS A 107 -12.97 3.47 6.95
C HIS A 107 -13.57 2.09 7.16
N ARG A 108 -13.84 1.39 6.08
CA ARG A 108 -14.40 0.04 6.19
C ARG A 108 -13.28 -0.96 6.48
N VAL A 109 -12.19 -0.85 5.71
CA VAL A 109 -11.07 -1.77 5.87
C VAL A 109 -10.34 -1.60 7.19
N VAL A 110 -10.20 -0.35 7.63
CA VAL A 110 -9.52 -0.05 8.87
C VAL A 110 -10.52 0.57 9.84
N PRO A 111 -11.12 -0.26 10.71
CA PRO A 111 -12.10 0.22 11.69
C PRO A 111 -11.48 1.27 12.61
N TYR A 112 -12.25 2.29 12.96
CA TYR A 112 -11.69 3.31 13.83
C TYR A 112 -11.92 3.00 15.29
N GLY A 113 -11.21 3.72 16.15
CA GLY A 113 -11.34 3.48 17.58
C GLY A 113 -10.24 2.57 18.09
N GLN A 114 -9.23 2.28 17.27
CA GLN A 114 -8.14 1.41 17.70
C GLN A 114 -6.95 2.25 18.11
N SER A 115 -6.28 1.87 19.20
CA SER A 115 -5.15 2.63 19.69
C SER A 115 -4.28 1.83 20.63
N PHE A 116 -3.14 2.39 21.01
CA PHE A 116 -2.23 1.72 21.93
C PHE A 116 -2.40 2.26 23.36
N GLN A 117 -3.39 3.12 23.56
CA GLN A 117 -3.64 3.66 24.89
C GLN A 117 -4.76 2.90 25.61
N GLU A 118 -5.81 3.60 26.00
CA GLU A 118 -6.91 2.97 26.72
C GLU A 118 -7.53 1.76 26.01
N GLY A 119 -7.74 0.69 26.77
CA GLY A 119 -8.34 -0.51 26.19
C GLY A 119 -7.41 -1.32 25.32
N TYR A 120 -6.13 -0.94 25.28
CA TYR A 120 -5.16 -1.66 24.48
C TYR A 120 -4.85 -3.01 25.12
N ALA A 121 -4.94 -4.08 24.33
CA ALA A 121 -4.66 -5.43 24.82
C ALA A 121 -3.83 -6.23 23.80
N GLY A 122 -3.08 -5.52 22.96
CA GLY A 122 -2.23 -6.19 22.00
C GLY A 122 -2.96 -6.86 20.83
N ILE A 123 -4.16 -6.39 20.54
CA ILE A 123 -4.97 -6.95 19.46
C ILE A 123 -5.58 -5.86 18.58
N PHE A 124 -5.61 -6.11 17.28
CA PHE A 124 -6.20 -5.16 16.33
C PHE A 124 -7.05 -5.93 15.32
N HIS A 125 -7.83 -5.22 14.52
CA HIS A 125 -8.66 -5.91 13.53
C HIS A 125 -8.90 -5.07 12.28
N PHE A 126 -9.13 -5.78 11.18
CA PHE A 126 -9.35 -5.13 9.89
C PHE A 126 -10.41 -5.93 9.16
N GLN A 127 -11.01 -5.34 8.14
CA GLN A 127 -12.02 -6.05 7.38
C GLN A 127 -11.60 -6.14 5.92
N LEU A 128 -11.82 -7.32 5.34
CA LEU A 128 -11.44 -7.56 3.96
C LEU A 128 -12.56 -8.28 3.22
N TRP A 129 -12.56 -8.18 1.89
CA TRP A 129 -13.54 -8.88 1.08
C TRP A 129 -12.87 -10.22 0.74
N GLN A 130 -13.27 -11.26 1.45
CA GLN A 130 -12.70 -12.60 1.27
C GLN A 130 -13.77 -13.68 1.28
N PHE A 131 -13.46 -14.81 0.67
CA PHE A 131 -14.36 -15.95 0.61
C PHE A 131 -15.77 -15.54 0.21
N GLY A 132 -15.88 -14.54 -0.66
CA GLY A 132 -17.18 -14.10 -1.11
C GLY A 132 -17.95 -13.25 -0.10
N GLU A 133 -17.24 -12.58 0.81
CA GLU A 133 -17.93 -11.76 1.79
C GLU A 133 -16.99 -10.86 2.60
N TRP A 134 -17.56 -9.91 3.32
CA TRP A 134 -16.77 -9.02 4.14
C TRP A 134 -16.45 -9.74 5.45
N VAL A 135 -15.17 -9.90 5.74
CA VAL A 135 -14.76 -10.62 6.93
C VAL A 135 -13.86 -9.78 7.83
N ASP A 136 -14.00 -9.98 9.14
CA ASP A 136 -13.20 -9.26 10.11
C ASP A 136 -12.05 -10.17 10.50
N VAL A 137 -10.83 -9.65 10.38
CA VAL A 137 -9.63 -10.41 10.68
C VAL A 137 -8.94 -9.77 11.87
N VAL A 138 -8.59 -10.57 12.86
CA VAL A 138 -7.88 -10.04 14.03
C VAL A 138 -6.41 -10.41 13.93
N VAL A 139 -5.56 -9.61 14.56
CA VAL A 139 -4.13 -9.88 14.59
C VAL A 139 -3.59 -9.33 15.92
N ASP A 140 -2.56 -9.98 16.46
CA ASP A 140 -1.94 -9.45 17.67
C ASP A 140 -0.90 -8.49 17.09
N ASP A 141 -0.42 -7.52 17.86
CA ASP A 141 0.55 -6.56 17.32
C ASP A 141 2.03 -6.96 17.31
N LEU A 142 2.32 -8.25 17.45
CA LEU A 142 3.70 -8.69 17.40
C LEU A 142 4.09 -8.57 15.93
N LEU A 143 5.11 -7.78 15.64
CA LEU A 143 5.55 -7.58 14.27
C LEU A 143 6.99 -8.00 14.05
N PRO A 144 7.33 -8.44 12.82
CA PRO A 144 8.70 -8.87 12.51
C PRO A 144 9.60 -7.64 12.58
N THR A 145 10.69 -7.74 13.33
CA THR A 145 11.61 -6.62 13.45
C THR A 145 13.04 -7.11 13.39
N LYS A 146 13.94 -6.20 13.04
CA LYS A 146 15.36 -6.51 12.97
C LYS A 146 16.07 -5.26 13.48
N ASP A 147 16.89 -5.42 14.50
CA ASP A 147 17.62 -4.28 15.05
C ASP A 147 16.66 -3.18 15.45
N GLY A 148 15.52 -3.57 16.01
CA GLY A 148 14.54 -2.59 16.47
C GLY A 148 13.70 -1.89 15.41
N LYS A 149 13.89 -2.24 14.15
CA LYS A 149 13.15 -1.63 13.05
C LYS A 149 12.25 -2.64 12.34
N LEU A 150 11.12 -2.18 11.83
CA LEU A 150 10.19 -3.05 11.11
C LEU A 150 10.88 -3.57 9.85
N VAL A 151 10.72 -4.86 9.59
CA VAL A 151 11.35 -5.50 8.43
C VAL A 151 10.52 -5.31 7.17
N PHE A 152 9.21 -5.39 7.31
CA PHE A 152 8.33 -5.26 6.17
C PHE A 152 7.76 -3.85 6.03
N VAL A 153 6.49 -3.70 5.70
CA VAL A 153 5.96 -2.35 5.50
C VAL A 153 6.06 -1.48 6.74
N HIS A 154 6.33 -0.20 6.52
CA HIS A 154 6.43 0.78 7.60
C HIS A 154 5.95 2.15 7.11
N SER A 155 5.74 3.07 8.04
CA SER A 155 5.27 4.41 7.67
C SER A 155 6.38 5.44 7.67
N ALA A 156 6.21 6.50 6.89
CA ALA A 156 7.22 7.57 6.85
C ALA A 156 7.32 8.13 8.28
N GLN A 157 6.21 8.03 9.01
CA GLN A 157 6.13 8.47 10.40
C GLN A 157 6.56 7.25 11.21
N GLY A 158 7.76 7.34 11.78
CA GLY A 158 8.32 6.23 12.54
C GLY A 158 7.53 5.62 13.68
N ASN A 159 6.58 6.34 14.26
CA ASN A 159 5.80 5.78 15.37
C ASN A 159 4.37 5.42 14.97
N GLU A 160 4.13 5.25 13.67
CA GLU A 160 2.81 4.90 13.18
C GLU A 160 2.75 3.44 12.77
N PHE A 161 1.70 2.72 13.17
CA PHE A 161 1.63 1.29 12.86
C PHE A 161 0.43 0.69 12.13
N TRP A 162 -0.56 1.48 11.74
CA TRP A 162 -1.72 0.88 11.08
C TRP A 162 -1.43 0.11 9.82
N SER A 163 -0.51 0.63 8.98
CA SER A 163 -0.21 -0.04 7.74
C SER A 163 0.56 -1.32 7.96
N ALA A 164 1.43 -1.36 8.96
CA ALA A 164 2.20 -2.56 9.25
C ALA A 164 1.24 -3.64 9.74
N LEU A 165 0.27 -3.23 10.55
CA LEU A 165 -0.71 -4.18 11.09
C LEU A 165 -1.68 -4.68 10.01
N LEU A 166 -2.05 -3.81 9.08
CA LEU A 166 -2.95 -4.23 8.00
C LEU A 166 -2.23 -5.24 7.11
N GLU A 167 -0.95 -5.00 6.84
CA GLU A 167 -0.17 -5.91 6.01
C GLU A 167 -0.12 -7.27 6.71
N LYS A 168 0.00 -7.26 8.03
CA LYS A 168 0.05 -8.51 8.79
C LYS A 168 -1.29 -9.28 8.67
N ALA A 169 -2.41 -8.56 8.77
CA ALA A 169 -3.71 -9.21 8.66
C ALA A 169 -3.87 -9.81 7.26
N TYR A 170 -3.35 -9.11 6.25
CA TYR A 170 -3.46 -9.62 4.89
C TYR A 170 -2.56 -10.84 4.77
N ALA A 171 -1.42 -10.81 5.45
CA ALA A 171 -0.51 -11.95 5.42
C ALA A 171 -1.19 -13.14 6.12
N LYS A 172 -1.90 -12.86 7.22
CA LYS A 172 -2.59 -13.91 7.97
C LYS A 172 -3.62 -14.68 7.13
N VAL A 173 -4.46 -13.97 6.40
CA VAL A 173 -5.47 -14.64 5.59
C VAL A 173 -4.87 -15.45 4.44
N ASN A 174 -3.63 -15.12 4.06
CA ASN A 174 -2.96 -15.82 2.98
C ASN A 174 -1.95 -16.85 3.48
N GLY A 175 -1.86 -17.02 4.79
CA GLY A 175 -0.95 -18.02 5.34
C GLY A 175 0.37 -17.55 5.91
N SER A 176 1.02 -16.59 5.26
CA SER A 176 2.31 -16.11 5.74
C SER A 176 2.72 -14.89 4.94
N TYR A 177 3.75 -14.21 5.40
CA TYR A 177 4.24 -13.04 4.69
C TYR A 177 4.80 -13.45 3.33
N GLU A 178 5.51 -14.57 3.29
CA GLU A 178 6.12 -15.00 2.02
C GLU A 178 5.07 -15.28 0.94
N ALA A 179 3.87 -15.68 1.36
CA ALA A 179 2.79 -15.94 0.41
C ALA A 179 2.42 -14.67 -0.33
N LEU A 180 2.78 -13.51 0.24
CA LEU A 180 2.48 -12.23 -0.38
C LEU A 180 3.53 -11.81 -1.40
N SER A 181 4.66 -12.52 -1.44
CA SER A 181 5.71 -12.17 -2.39
C SER A 181 5.30 -12.51 -3.83
N GLY A 182 5.07 -11.48 -4.63
CA GLY A 182 4.67 -11.70 -6.01
C GLY A 182 3.17 -11.74 -6.11
N GLY A 183 2.59 -10.85 -6.91
CA GLY A 183 1.15 -10.84 -7.02
C GLY A 183 0.62 -9.94 -8.12
N CYS A 184 -0.68 -9.67 -8.04
CA CYS A 184 -1.38 -8.87 -9.02
C CYS A 184 -2.15 -7.76 -8.30
N THR A 185 -1.91 -6.51 -8.69
CA THR A 185 -2.58 -5.40 -8.03
C THR A 185 -4.09 -5.56 -7.95
N SER A 186 -4.70 -5.97 -9.05
CA SER A 186 -6.15 -6.16 -9.11
C SER A 186 -6.66 -7.11 -8.03
N GLU A 187 -5.85 -8.10 -7.68
CA GLU A 187 -6.24 -9.05 -6.65
C GLU A 187 -6.41 -8.32 -5.32
N ALA A 188 -5.50 -7.40 -5.03
CA ALA A 188 -5.57 -6.64 -3.79
C ALA A 188 -6.75 -5.68 -3.86
N PHE A 189 -6.92 -5.02 -5.01
CA PHE A 189 -8.03 -4.09 -5.18
C PHE A 189 -9.34 -4.78 -4.83
N GLU A 190 -9.55 -5.98 -5.37
CA GLU A 190 -10.78 -6.70 -5.10
C GLU A 190 -10.96 -7.10 -3.63
N ASP A 191 -9.86 -7.45 -2.96
CA ASP A 191 -9.93 -7.85 -1.55
C ASP A 191 -10.28 -6.66 -0.65
N PHE A 192 -10.10 -5.45 -1.16
CA PHE A 192 -10.42 -4.25 -0.37
C PHE A 192 -11.72 -3.61 -0.77
N THR A 193 -12.31 -4.07 -1.87
CA THR A 193 -13.54 -3.46 -2.37
C THR A 193 -14.67 -4.40 -2.76
N GLY A 194 -14.32 -5.58 -3.27
CA GLY A 194 -15.34 -6.50 -3.71
C GLY A 194 -15.93 -5.92 -4.99
N GLY A 195 -15.20 -5.00 -5.59
CA GLY A 195 -15.66 -4.35 -6.81
C GLY A 195 -15.23 -5.04 -8.09
N VAL A 196 -15.48 -4.37 -9.22
CA VAL A 196 -15.14 -4.92 -10.52
C VAL A 196 -13.84 -4.34 -11.05
N THR A 197 -12.93 -5.22 -11.48
CA THR A 197 -11.64 -4.79 -12.00
C THR A 197 -11.54 -4.88 -13.53
N GLU A 198 -10.79 -3.95 -14.09
CA GLU A 198 -10.55 -3.87 -15.52
C GLU A 198 -9.09 -3.49 -15.70
N TRP A 199 -8.54 -3.76 -16.88
CA TRP A 199 -7.17 -3.40 -17.16
C TRP A 199 -7.05 -2.87 -18.57
N TYR A 200 -6.02 -2.06 -18.81
CA TYR A 200 -5.82 -1.48 -20.13
C TYR A 200 -4.41 -1.70 -20.62
N ASP A 201 -4.31 -2.08 -21.89
CA ASP A 201 -3.02 -2.31 -22.52
C ASP A 201 -2.58 -0.94 -23.02
N LEU A 202 -1.62 -0.34 -22.34
CA LEU A 202 -1.13 0.98 -22.68
C LEU A 202 -0.47 1.08 -24.05
N GLN A 203 -0.31 -0.06 -24.72
CA GLN A 203 0.29 -0.07 -26.05
C GLN A 203 -0.84 0.02 -27.07
N LYS A 204 -2.06 -0.19 -26.59
CA LYS A 204 -3.26 -0.14 -27.42
C LYS A 204 -4.33 0.58 -26.62
N ALA A 205 -3.92 1.64 -25.93
CA ALA A 205 -4.82 2.42 -25.10
C ALA A 205 -5.90 3.14 -25.91
N PRO A 206 -7.13 3.16 -25.40
CA PRO A 206 -8.22 3.84 -26.11
C PRO A 206 -7.87 5.32 -26.25
N SER A 207 -8.42 5.97 -27.27
CA SER A 207 -8.14 7.36 -27.51
C SER A 207 -8.58 8.26 -26.34
N ASP A 208 -9.57 7.83 -25.58
CA ASP A 208 -10.05 8.64 -24.46
C ASP A 208 -9.71 8.02 -23.11
N LEU A 209 -8.55 7.36 -23.05
CA LEU A 209 -8.11 6.72 -21.82
C LEU A 209 -7.93 7.73 -20.70
N TYR A 210 -7.40 8.91 -21.02
CA TYR A 210 -7.19 9.92 -20.00
C TYR A 210 -8.51 10.32 -19.35
N GLN A 211 -9.57 10.39 -20.15
CA GLN A 211 -10.89 10.73 -19.63
C GLN A 211 -11.35 9.62 -18.71
N ILE A 212 -11.10 8.38 -19.12
CA ILE A 212 -11.48 7.22 -18.32
C ILE A 212 -10.83 7.31 -16.94
N ILE A 213 -9.56 7.73 -16.92
CA ILE A 213 -8.82 7.86 -15.67
C ILE A 213 -9.38 9.00 -14.82
N LEU A 214 -9.73 10.10 -15.47
CA LEU A 214 -10.28 11.25 -14.75
C LEU A 214 -11.54 10.86 -14.00
N LYS A 215 -12.48 10.22 -14.71
CA LYS A 215 -13.73 9.81 -14.10
C LYS A 215 -13.51 8.78 -12.99
N ALA A 216 -12.63 7.82 -13.23
CA ALA A 216 -12.35 6.79 -12.22
C ALA A 216 -11.84 7.45 -10.94
N LEU A 217 -10.87 8.35 -11.08
CA LEU A 217 -10.31 9.05 -9.94
C LEU A 217 -11.37 9.87 -9.21
N GLU A 218 -12.31 10.43 -9.96
CA GLU A 218 -13.37 11.24 -9.38
C GLU A 218 -14.37 10.41 -8.58
N ARG A 219 -14.70 9.23 -9.10
CA ARG A 219 -15.65 8.34 -8.45
C ARG A 219 -15.02 7.61 -7.26
N GLY A 220 -13.73 7.76 -7.09
CA GLY A 220 -13.06 7.10 -5.97
C GLY A 220 -12.56 5.70 -6.28
N SER A 221 -12.45 5.36 -7.56
CA SER A 221 -11.96 4.06 -7.96
C SER A 221 -10.49 3.92 -7.58
N LEU A 222 -9.99 2.69 -7.62
CA LEU A 222 -8.59 2.45 -7.29
C LEU A 222 -7.90 2.21 -8.62
N LEU A 223 -6.74 2.84 -8.80
CA LEU A 223 -5.96 2.72 -10.03
C LEU A 223 -4.49 2.39 -9.74
N GLY A 224 -3.93 1.50 -10.54
CA GLY A 224 -2.54 1.12 -10.38
C GLY A 224 -1.94 0.90 -11.76
N CYS A 225 -0.63 1.01 -11.87
CA CYS A 225 0.04 0.82 -13.16
C CYS A 225 1.39 0.15 -12.97
N SER A 226 1.95 -0.37 -14.06
CA SER A 226 3.24 -1.04 -13.98
C SER A 226 3.91 -1.20 -15.34
N ILE A 227 5.19 -1.54 -15.30
CA ILE A 227 6.00 -1.72 -16.50
C ILE A 227 6.42 -3.19 -16.61
N ASN A 228 5.97 -3.85 -17.67
CA ASN A 228 6.30 -5.25 -17.91
C ASN A 228 7.77 -5.43 -18.26
N ILE A 229 8.29 -6.64 -18.07
CA ILE A 229 9.69 -6.96 -18.37
C ILE A 229 9.82 -8.13 -19.34
N SER A 230 10.87 -8.11 -20.15
CA SER A 230 11.11 -9.18 -21.12
C SER A 230 11.07 -10.58 -20.49
N ASP A 231 11.52 -10.67 -19.24
CA ASP A 231 11.55 -11.95 -18.52
C ASP A 231 11.55 -11.76 -17.00
N ILE A 232 11.76 -12.85 -16.27
CA ILE A 232 11.79 -12.79 -14.81
C ILE A 232 13.16 -12.48 -14.24
N ARG A 233 14.13 -12.27 -15.12
CA ARG A 233 15.49 -11.96 -14.68
C ARG A 233 15.63 -10.47 -14.37
N ASP A 234 14.89 -9.65 -15.11
CA ASP A 234 14.92 -8.20 -14.89
C ASP A 234 13.99 -7.84 -13.73
N LEU A 235 14.19 -8.51 -12.60
CA LEU A 235 13.39 -8.29 -11.40
C LEU A 235 13.92 -7.12 -10.60
N GLU A 236 13.06 -6.15 -10.32
CA GLU A 236 13.42 -4.96 -9.56
C GLU A 236 14.47 -4.12 -10.28
N ALA A 237 14.47 -4.19 -11.61
CA ALA A 237 15.43 -3.44 -12.41
C ALA A 237 14.97 -2.00 -12.64
N ILE A 238 15.81 -1.06 -12.24
CA ILE A 238 15.52 0.36 -12.39
C ILE A 238 15.97 0.84 -13.76
N THR A 239 15.12 1.57 -14.46
CA THR A 239 15.46 2.08 -15.78
C THR A 239 16.39 3.28 -15.65
N PHE A 240 16.88 3.79 -16.77
CA PHE A 240 17.76 4.96 -16.71
C PHE A 240 16.98 6.19 -16.28
N LYS A 241 15.67 6.18 -16.57
CA LYS A 241 14.79 7.28 -16.20
C LYS A 241 14.33 7.14 -14.75
N ASN A 242 14.89 6.15 -14.07
CA ASN A 242 14.61 5.88 -12.66
C ASN A 242 13.21 5.38 -12.32
N LEU A 243 12.66 4.56 -13.21
CA LEU A 243 11.36 3.94 -12.99
C LEU A 243 11.71 2.49 -12.67
N VAL A 244 10.91 1.84 -11.82
CA VAL A 244 11.18 0.46 -11.48
C VAL A 244 10.26 -0.42 -12.30
N ARG A 245 10.83 -1.40 -12.98
CA ARG A 245 10.04 -2.31 -13.81
C ARG A 245 9.57 -3.51 -12.99
N GLY A 246 8.48 -4.13 -13.43
CA GLY A 246 7.93 -5.27 -12.72
C GLY A 246 7.56 -4.87 -11.31
N HIS A 247 7.20 -3.61 -11.15
CA HIS A 247 6.86 -3.02 -9.85
C HIS A 247 5.54 -2.26 -9.94
N ALA A 248 4.61 -2.51 -9.01
CA ALA A 248 3.33 -1.82 -9.03
C ALA A 248 3.43 -0.40 -8.47
N TYR A 249 2.77 0.55 -9.15
CA TYR A 249 2.72 1.94 -8.71
C TYR A 249 1.25 2.29 -8.51
N SER A 250 0.98 3.22 -7.59
CA SER A 250 -0.38 3.67 -7.34
C SER A 250 -0.59 4.91 -8.22
N VAL A 251 -1.73 5.01 -8.88
CA VAL A 251 -2.02 6.21 -9.67
C VAL A 251 -2.81 7.05 -8.67
N THR A 252 -2.33 8.24 -8.37
CA THR A 252 -2.98 9.05 -7.34
C THR A 252 -3.68 10.34 -7.75
N ASP A 253 -3.55 10.75 -9.01
CA ASP A 253 -4.18 12.00 -9.46
C ASP A 253 -3.97 12.22 -10.95
N ALA A 254 -4.75 13.14 -11.50
CA ALA A 254 -4.65 13.49 -12.91
C ALA A 254 -5.13 14.92 -13.03
N LYS A 255 -4.21 15.81 -13.44
CA LYS A 255 -4.51 17.22 -13.58
C LYS A 255 -3.88 17.72 -14.86
N GLN A 256 -4.39 18.84 -15.35
CA GLN A 256 -3.87 19.44 -16.58
C GLN A 256 -3.24 20.77 -16.22
N VAL A 257 -2.15 21.12 -16.91
CA VAL A 257 -1.46 22.37 -16.68
C VAL A 257 -1.20 23.10 -17.99
N THR A 258 -1.00 24.40 -17.92
CA THR A 258 -0.74 25.21 -19.11
C THR A 258 0.77 25.33 -19.28
N TYR A 259 1.30 24.61 -20.26
CA TYR A 259 2.73 24.62 -20.52
C TYR A 259 3.05 25.32 -21.83
N GLN A 260 3.72 26.46 -21.73
CA GLN A 260 4.09 27.27 -22.89
C GLN A 260 2.95 27.53 -23.87
N GLY A 261 1.81 27.98 -23.34
CA GLY A 261 0.69 28.29 -24.20
C GLY A 261 -0.39 27.24 -24.39
N GLN A 262 -0.10 25.98 -24.09
CA GLN A 262 -1.10 24.93 -24.26
C GLN A 262 -1.14 23.97 -23.09
N ARG A 263 -2.34 23.55 -22.71
CA ARG A 263 -2.48 22.64 -21.59
C ARG A 263 -1.93 21.26 -21.89
N VAL A 264 -1.31 20.67 -20.88
CA VAL A 264 -0.72 19.35 -20.98
C VAL A 264 -1.40 18.47 -19.94
N ASN A 265 -1.76 17.25 -20.35
CA ASN A 265 -2.41 16.31 -19.45
C ASN A 265 -1.36 15.63 -18.59
N LEU A 266 -1.47 15.79 -17.27
CA LEU A 266 -0.51 15.18 -16.37
C LEU A 266 -1.16 14.08 -15.53
N ILE A 267 -0.33 13.16 -15.07
CA ILE A 267 -0.80 12.06 -14.24
C ILE A 267 0.18 11.92 -13.06
N ARG A 268 -0.35 11.62 -11.88
CA ARG A 268 0.48 11.51 -10.69
C ARG A 268 0.44 10.10 -10.17
N MET A 269 1.60 9.56 -9.83
CA MET A 269 1.66 8.22 -9.29
C MET A 269 2.65 8.14 -8.14
N ARG A 270 2.60 7.03 -7.41
CA ARG A 270 3.48 6.85 -6.28
C ARG A 270 4.10 5.48 -6.18
N ASN A 271 5.42 5.45 -5.99
CA ASN A 271 6.17 4.22 -5.86
C ASN A 271 5.96 3.78 -4.40
N PRO A 272 5.45 2.56 -4.16
CA PRO A 272 5.24 2.14 -2.77
C PRO A 272 6.50 2.04 -1.93
N TRP A 273 7.67 2.23 -2.54
CA TRP A 273 8.93 2.21 -1.79
C TRP A 273 8.99 3.48 -0.96
N GLY A 274 8.27 4.51 -1.40
CA GLY A 274 8.29 5.77 -0.68
C GLY A 274 9.49 6.60 -1.08
N GLU A 275 10.21 6.13 -2.09
CA GLU A 275 11.40 6.80 -2.61
C GLU A 275 11.67 6.26 -4.02
N VAL A 276 12.64 6.86 -4.71
CA VAL A 276 13.02 6.46 -6.06
C VAL A 276 11.92 6.86 -7.04
N GLU A 277 12.06 8.07 -7.57
CA GLU A 277 11.08 8.63 -8.48
C GLU A 277 11.59 8.86 -9.89
N TRP A 278 10.64 9.05 -10.79
CA TRP A 278 10.89 9.32 -12.20
C TRP A 278 11.74 10.59 -12.33
N LYS A 279 12.70 10.56 -13.25
CA LYS A 279 13.58 11.70 -13.48
C LYS A 279 13.38 12.37 -14.83
N GLY A 280 12.15 12.35 -15.33
CA GLY A 280 11.88 12.97 -16.61
C GLY A 280 11.08 14.26 -16.45
N PRO A 281 10.49 14.77 -17.53
CA PRO A 281 9.72 16.01 -17.47
C PRO A 281 8.62 15.91 -16.41
N TRP A 282 8.44 16.98 -15.65
CA TRP A 282 7.44 17.07 -14.59
C TRP A 282 7.86 16.43 -13.26
N SER A 283 9.07 15.91 -13.20
CA SER A 283 9.58 15.33 -11.96
C SER A 283 9.76 16.49 -10.98
N ASP A 284 9.91 16.17 -9.69
CA ASP A 284 10.06 17.19 -8.66
C ASP A 284 11.02 18.34 -8.97
N ASN A 285 12.24 18.02 -9.44
CA ASN A 285 13.22 19.06 -9.74
C ASN A 285 13.39 19.31 -11.24
N SER A 286 12.38 18.93 -12.01
CA SER A 286 12.42 19.11 -13.45
C SER A 286 12.25 20.59 -13.79
N TYR A 287 12.74 20.98 -14.96
CA TYR A 287 12.65 22.37 -15.40
C TYR A 287 11.24 22.77 -15.81
N GLU A 288 10.51 21.84 -16.44
CA GLU A 288 9.15 22.10 -16.91
C GLU A 288 8.26 22.92 -15.98
N TRP A 289 8.43 22.76 -14.67
CA TRP A 289 7.62 23.50 -13.70
C TRP A 289 7.83 25.00 -13.75
N ASN A 290 8.84 25.43 -14.50
CA ASN A 290 9.12 26.86 -14.62
C ASN A 290 8.33 27.43 -15.79
N LYS A 291 8.00 26.57 -16.75
CA LYS A 291 7.25 26.98 -17.94
C LYS A 291 5.73 26.95 -17.73
N VAL A 292 5.30 26.83 -16.49
CA VAL A 292 3.86 26.81 -16.18
C VAL A 292 3.55 28.00 -15.28
N ASP A 293 2.26 28.26 -15.03
CA ASP A 293 1.89 29.37 -14.19
C ASP A 293 2.04 29.03 -12.70
N PRO A 294 2.45 30.01 -11.89
CA PRO A 294 2.66 29.88 -10.44
C PRO A 294 1.56 29.11 -9.71
N TYR A 295 0.31 29.46 -9.99
CA TYR A 295 -0.82 28.81 -9.35
C TYR A 295 -0.74 27.30 -9.52
N GLU A 296 -0.63 26.85 -10.77
CA GLU A 296 -0.55 25.43 -11.07
C GLU A 296 0.71 24.79 -10.47
N ARG A 297 1.82 25.54 -10.46
CA ARG A 297 3.07 25.03 -9.91
C ARG A 297 2.98 24.80 -8.40
N GLU A 298 2.50 25.81 -7.69
CA GLU A 298 2.37 25.74 -6.23
C GLU A 298 1.29 24.75 -5.81
N GLN A 299 0.26 24.62 -6.65
CA GLN A 299 -0.86 23.73 -6.34
C GLN A 299 -0.62 22.27 -6.70
N LEU A 300 0.33 22.01 -7.58
CA LEU A 300 0.60 20.63 -7.99
C LEU A 300 1.97 20.09 -7.63
N ARG A 301 3.01 20.90 -7.83
CA ARG A 301 4.36 20.44 -7.54
C ARG A 301 4.68 20.38 -6.06
N VAL A 302 5.36 19.30 -5.68
CA VAL A 302 5.79 19.09 -4.30
C VAL A 302 7.20 18.53 -4.37
N LYS A 303 8.16 19.31 -3.89
CA LYS A 303 9.55 18.87 -3.90
C LYS A 303 9.86 18.06 -2.66
N MET A 304 9.62 16.74 -2.74
CA MET A 304 9.88 15.87 -1.61
C MET A 304 10.15 14.44 -2.08
N GLU A 305 11.14 13.81 -1.46
CA GLU A 305 11.49 12.43 -1.79
C GLU A 305 10.48 11.58 -1.03
N ASP A 306 9.33 11.37 -1.67
CA ASP A 306 8.24 10.60 -1.08
C ASP A 306 7.76 9.48 -1.99
N GLY A 307 8.40 9.34 -3.14
CA GLY A 307 8.01 8.30 -4.07
C GLY A 307 6.91 8.73 -5.02
N GLU A 308 6.33 9.90 -4.78
CA GLU A 308 5.25 10.40 -5.64
C GLU A 308 5.78 11.43 -6.63
N PHE A 309 5.26 11.39 -7.85
CA PHE A 309 5.71 12.30 -8.89
C PHE A 309 4.70 12.41 -10.01
N TRP A 310 4.87 13.45 -10.81
CA TRP A 310 4.01 13.71 -11.97
C TRP A 310 4.75 13.31 -13.24
N MET A 311 3.97 13.01 -14.29
CA MET A 311 4.48 12.64 -15.61
C MET A 311 3.41 13.16 -16.57
N SER A 312 3.79 13.44 -17.82
CA SER A 312 2.78 13.89 -18.78
C SER A 312 2.08 12.59 -19.16
N PHE A 313 0.83 12.66 -19.60
CA PHE A 313 0.13 11.44 -19.97
C PHE A 313 0.84 10.79 -21.16
N ARG A 314 1.42 11.62 -22.02
CA ARG A 314 2.14 11.13 -23.19
C ARG A 314 3.29 10.23 -22.75
N ASP A 315 4.12 10.71 -21.83
CA ASP A 315 5.24 9.94 -21.34
C ASP A 315 4.76 8.73 -20.54
N PHE A 316 3.65 8.90 -19.83
CA PHE A 316 3.09 7.82 -19.03
C PHE A 316 2.74 6.60 -19.90
N ILE A 317 2.01 6.80 -20.98
CA ILE A 317 1.64 5.64 -21.81
C ILE A 317 2.83 5.06 -22.57
N ARG A 318 3.89 5.83 -22.73
CA ARG A 318 5.06 5.31 -23.42
C ARG A 318 5.89 4.46 -22.47
N GLU A 319 6.11 4.98 -21.26
CA GLU A 319 6.91 4.27 -20.26
C GLU A 319 6.18 3.09 -19.62
N PHE A 320 4.92 3.27 -19.23
CA PHE A 320 4.17 2.19 -18.59
C PHE A 320 3.46 1.27 -19.58
N THR A 321 3.26 0.02 -19.19
CA THR A 321 2.63 -0.96 -20.07
C THR A 321 1.25 -1.40 -19.65
N LYS A 322 0.93 -1.27 -18.36
CA LYS A 322 -0.36 -1.71 -17.88
C LYS A 322 -0.99 -0.79 -16.85
N LEU A 323 -2.31 -0.69 -16.93
CA LEU A 323 -3.09 0.12 -16.01
C LEU A 323 -4.28 -0.74 -15.56
N GLU A 324 -4.46 -0.84 -14.25
CA GLU A 324 -5.55 -1.61 -13.69
C GLU A 324 -6.46 -0.64 -12.95
N ILE A 325 -7.76 -0.82 -13.09
CA ILE A 325 -8.73 0.05 -12.44
C ILE A 325 -9.79 -0.83 -11.78
N CYS A 326 -10.10 -0.52 -10.52
CA CYS A 326 -11.14 -1.26 -9.80
C CYS A 326 -12.24 -0.28 -9.44
N ASN A 327 -13.43 -0.50 -9.98
CA ASN A 327 -14.58 0.36 -9.72
C ASN A 327 -15.52 -0.26 -8.68
N LEU A 328 -16.04 0.58 -7.78
CA LEU A 328 -16.95 0.12 -6.71
C LEU A 328 -18.43 0.43 -6.93
N THR A 329 -19.24 0.11 -5.92
CA THR A 329 -20.70 0.30 -5.95
C THR A 329 -21.21 1.57 -6.59
CA CA B . -0.22 8.86 8.87
CA CA C . 8.27 13.31 -5.00
C1 E64 D . 7.83 -5.09 -5.67
O1 E64 D . 7.70 -5.33 -4.39
O2 E64 D . 8.73 -4.42 -6.12
C2 E64 D . 6.74 -5.71 -6.52
C3 E64 D . 7.11 -7.14 -7.14
O3 E64 D . 8.00 -6.93 -8.13
C4 E64 D . 5.79 -7.84 -7.62
O4 E64 D . 4.76 -8.11 -6.94
N1 E64 D . 5.82 -8.17 -8.93
C6 E64 D . 4.72 -8.53 -9.73
C7 E64 D . 4.31 -7.53 -10.75
C8 E64 D . 4.02 -6.09 -10.48
C9 E64 D . 3.62 -5.44 -11.87
C10 E64 D . 2.87 -6.09 -9.40
C11 E64 D . 4.91 -9.86 -10.51
O5 E64 D . 6.04 -10.02 -10.96
N2 E64 D . 3.91 -10.70 -10.61
C12 E64 D . 3.91 -12.00 -11.27
C13 E64 D . 3.54 -12.88 -10.07
C14 E64 D . 2.91 -14.08 -10.68
C15 E64 D . 1.98 -14.63 -9.60
N3 E64 D . 1.02 -13.53 -9.58
C16 E64 D . -0.23 -13.25 -8.81
N4 E64 D . -0.69 -12.03 -9.25
N5 E64 D . -0.94 -13.96 -7.79
#